data_7G8Z
#
_entry.id   7G8Z
#
_cell.length_a   71.130
_cell.length_b   71.130
_cell.length_c   196.377
_cell.angle_alpha   90.000
_cell.angle_beta   90.000
_cell.angle_gamma   90.000
#
_symmetry.space_group_name_H-M   'P 43 21 2'
#
loop_
_entity.id
_entity.type
_entity.pdbx_description
1 polymer 'Transforming protein RhoA'
2 polymer 'Rho guanine nucleotide exchange factor 2'
3 non-polymer 'DIMETHYL SULFOXIDE'
4 non-polymer 'FORMIC ACID'
5 non-polymer 1-[(2R)-1-(methanesulfonyl)pyrrolidin-2-yl]methanamine
6 water water
#
loop_
_entity_poly.entity_id
_entity_poly.type
_entity_poly.pdbx_seq_one_letter_code
_entity_poly.pdbx_strand_id
1 'polypeptide(L)'
;SMAAIRKKLVIVGDGACGKTCLLIVFSKDQFPEVYVPTVFENYVADIEVDGKQVELALWDTAGQEDYDRLRPLSYPDTDV
ILMCFSIDSPDSLENIPEKWTPEVKHFCPNVPIILVGNKKDLRNDEHTRRELAKMKQEPVKPEEGRDMANRIGAFGYMEC
SAKTKDGVREVFEMATRAALQARRG
;
A
2 'polypeptide(L)'
;SMEMDEKDFAADSWSLAVDSSFLQQHKKEVMKQQDVIYELIQTELHHVRTLKIMTRLFRTGMLEELHLEPGVVQGLFPCV
DELSDIHTRFLSQLLERRRQALCPGSTRNFVIHRLGDLLISQFSGPSAEQMCKTYSEFCSRHSKALKLYKELYARDKRFQ
QFIRKVTRPAVLKRHGVQECILLVTQRITKYPLLISRILQHSHGIEEERQDLTTALGLVKELLSNVDEGIYQLEKGARLQ
EIYNR
;
B
#
# COMPACT_ATOMS: atom_id res chain seq x y z
N ALA A 4 -9.35 -22.98 4.81
CA ALA A 4 -8.89 -22.36 3.57
C ALA A 4 -7.36 -22.14 3.61
N ILE A 5 -6.71 -22.40 2.49
CA ILE A 5 -5.26 -22.20 2.37
C ILE A 5 -5.03 -20.71 2.04
N ARG A 6 -3.92 -20.16 2.52
CA ARG A 6 -3.58 -18.76 2.30
C ARG A 6 -2.60 -18.63 1.14
N LYS A 7 -2.88 -17.74 0.21
CA LYS A 7 -2.00 -17.46 -0.94
C LYS A 7 -1.81 -15.95 -1.05
N LYS A 8 -0.68 -15.51 -1.62
CA LYS A 8 -0.37 -14.10 -1.75
C LYS A 8 -0.25 -13.71 -3.24
N LEU A 9 -0.90 -12.59 -3.61
CA LEU A 9 -0.87 -12.05 -4.95
C LEU A 9 -0.28 -10.64 -4.90
N VAL A 10 0.60 -10.32 -5.86
CA VAL A 10 1.17 -8.98 -5.98
C VAL A 10 0.95 -8.52 -7.42
N ILE A 11 0.53 -7.24 -7.62
CA ILE A 11 0.36 -6.74 -8.97
CA ILE A 11 0.36 -6.70 -8.97
C ILE A 11 1.50 -5.75 -9.25
N VAL A 12 2.09 -5.88 -10.44
CA VAL A 12 3.22 -5.04 -10.86
CA VAL A 12 3.24 -5.12 -10.88
C VAL A 12 2.88 -4.41 -12.22
N GLY A 13 3.61 -3.37 -12.58
CA GLY A 13 3.36 -2.66 -13.83
C GLY A 13 3.65 -1.18 -13.67
N ASP A 14 3.67 -0.45 -14.79
CA ASP A 14 3.97 0.99 -14.76
C ASP A 14 2.89 1.79 -14.02
N GLY A 15 3.27 3.01 -13.61
CA GLY A 15 2.35 3.90 -12.92
C GLY A 15 1.00 4.11 -13.57
N ALA A 16 0.92 4.18 -14.91
CA ALA A 16 -0.40 4.43 -15.55
C ALA A 16 -1.16 3.14 -15.98
N CYS A 17 -0.77 1.97 -15.47
CA CYS A 17 -1.36 0.72 -15.91
C CYS A 17 -2.74 0.39 -15.32
N GLY A 18 -3.20 1.09 -14.29
CA GLY A 18 -4.51 0.82 -13.68
C GLY A 18 -4.52 -0.28 -12.63
N LYS A 19 -3.33 -0.68 -12.12
CA LYS A 19 -3.29 -1.74 -11.10
CA LYS A 19 -3.28 -1.74 -11.09
C LYS A 19 -4.04 -1.39 -9.82
N THR A 20 -3.96 -0.12 -9.34
CA THR A 20 -4.65 0.23 -8.09
C THR A 20 -6.16 0.12 -8.28
N CYS A 21 -6.66 0.65 -9.39
CA CYS A 21 -8.09 0.62 -9.68
CA CYS A 21 -8.09 0.62 -9.68
C CYS A 21 -8.61 -0.80 -9.80
N LEU A 22 -7.81 -1.68 -10.42
CA LEU A 22 -8.22 -3.07 -10.55
C LEU A 22 -8.39 -3.72 -9.15
N LEU A 23 -7.40 -3.51 -8.24
CA LEU A 23 -7.51 -4.07 -6.89
C LEU A 23 -8.73 -3.49 -6.11
N ILE A 24 -8.99 -2.19 -6.28
CA ILE A 24 -10.11 -1.55 -5.56
C ILE A 24 -11.45 -2.13 -6.05
N VAL A 25 -11.63 -2.19 -7.39
CA VAL A 25 -12.89 -2.69 -7.95
C VAL A 25 -13.15 -4.14 -7.56
N PHE A 26 -12.11 -4.99 -7.59
CA PHE A 26 -12.32 -6.39 -7.20
C PHE A 26 -12.67 -6.49 -5.69
N SER A 27 -11.93 -5.79 -4.81
CA SER A 27 -12.12 -5.94 -3.39
C SER A 27 -13.41 -5.32 -2.85
N LYS A 28 -13.89 -4.23 -3.48
CA LYS A 28 -15.10 -3.56 -3.00
C LYS A 28 -16.38 -4.28 -3.33
N ASP A 29 -17.34 -4.26 -2.38
CA ASP A 29 -18.65 -4.89 -2.53
C ASP A 29 -19.52 -4.09 -3.50
N GLN A 30 -19.48 -2.77 -3.39
CA GLN A 30 -20.20 -1.90 -4.31
C GLN A 30 -19.15 -1.09 -5.09
N PHE A 31 -19.34 -0.93 -6.40
CA PHE A 31 -18.43 -0.17 -7.25
C PHE A 31 -18.31 1.28 -6.75
N PRO A 32 -17.09 1.88 -6.73
CA PRO A 32 -16.96 3.25 -6.21
C PRO A 32 -17.60 4.34 -7.07
N GLU A 33 -18.87 4.65 -6.79
CA GLU A 33 -19.60 5.66 -7.54
C GLU A 33 -19.42 7.08 -7.00
N VAL A 34 -18.95 7.23 -5.76
CA VAL A 34 -18.80 8.56 -5.16
C VAL A 34 -17.35 9.02 -5.16
N TYR A 35 -16.45 8.15 -4.75
CA TYR A 35 -15.03 8.52 -4.66
C TYR A 35 -14.16 7.34 -5.02
N VAL A 36 -13.22 7.51 -5.94
CA VAL A 36 -12.32 6.43 -6.29
C VAL A 36 -11.04 6.64 -5.46
N PRO A 37 -10.70 5.73 -4.52
CA PRO A 37 -9.50 5.93 -3.71
C PRO A 37 -8.21 6.12 -4.53
N THR A 38 -7.32 6.94 -3.99
CA THR A 38 -6.01 7.16 -4.58
C THR A 38 -5.10 5.95 -4.35
N VAL A 39 -5.19 5.33 -3.15
CA VAL A 39 -4.29 4.23 -2.82
C VAL A 39 -5.06 2.98 -2.36
N PHE A 40 -4.34 1.84 -2.30
CA PHE A 40 -4.89 0.58 -1.86
C PHE A 40 -3.93 0.06 -0.75
N GLU A 41 -4.46 -0.26 0.45
CA GLU A 41 -3.59 -0.72 1.55
C GLU A 41 -3.27 -2.22 1.35
N ASN A 42 -4.23 -3.08 1.61
CA ASN A 42 -4.16 -4.52 1.33
C ASN A 42 -5.59 -5.06 1.48
N TYR A 43 -5.77 -6.34 1.21
CA TYR A 43 -7.09 -6.97 1.35
C TYR A 43 -6.87 -8.46 1.35
N VAL A 44 -7.75 -9.20 2.04
CA VAL A 44 -7.64 -10.66 2.02
C VAL A 44 -9.00 -11.15 1.53
N ALA A 45 -9.05 -11.60 0.25
CA ALA A 45 -10.28 -12.03 -0.41
C ALA A 45 -10.61 -13.48 -0.13
N ASP A 46 -11.89 -13.80 0.10
CA ASP A 46 -12.32 -15.19 0.25
C ASP A 46 -12.77 -15.60 -1.14
N ILE A 47 -12.09 -16.57 -1.74
CA ILE A 47 -12.38 -16.98 -3.12
CA ILE A 47 -12.45 -16.99 -3.09
C ILE A 47 -12.57 -18.50 -3.15
N GLU A 48 -13.57 -19.01 -3.87
CA GLU A 48 -13.72 -20.45 -4.04
CA GLU A 48 -13.74 -20.44 -4.04
C GLU A 48 -13.62 -20.70 -5.53
N VAL A 49 -12.55 -21.41 -5.96
CA VAL A 49 -12.36 -21.63 -7.38
C VAL A 49 -12.23 -23.13 -7.63
N ASP A 50 -13.08 -23.68 -8.51
CA ASP A 50 -13.06 -25.10 -8.83
C ASP A 50 -13.17 -25.99 -7.57
N GLY A 51 -14.04 -25.59 -6.65
CA GLY A 51 -14.29 -26.33 -5.43
C GLY A 51 -13.27 -26.14 -4.31
N LYS A 52 -12.25 -25.29 -4.51
CA LYS A 52 -11.23 -25.06 -3.46
C LYS A 52 -11.35 -23.69 -2.84
N GLN A 53 -11.36 -23.62 -1.49
CA GLN A 53 -11.47 -22.35 -0.79
CA GLN A 53 -11.47 -22.35 -0.80
C GLN A 53 -10.09 -21.79 -0.49
N VAL A 54 -9.86 -20.51 -0.87
CA VAL A 54 -8.57 -19.86 -0.65
C VAL A 54 -8.77 -18.48 -0.01
N GLU A 55 -7.85 -18.08 0.88
CA GLU A 55 -7.80 -16.70 1.37
C GLU A 55 -6.67 -16.11 0.53
N LEU A 56 -6.97 -15.18 -0.36
CA LEU A 56 -5.98 -14.59 -1.27
C LEU A 56 -5.66 -13.18 -0.81
N ALA A 57 -4.45 -12.97 -0.28
CA ALA A 57 -4.00 -11.64 0.15
C ALA A 57 -3.59 -10.85 -1.08
N LEU A 58 -4.05 -9.61 -1.20
CA LEU A 58 -3.80 -8.78 -2.39
C LEU A 58 -2.90 -7.59 -2.05
N TRP A 59 -1.86 -7.36 -2.88
CA TRP A 59 -0.93 -6.25 -2.64
C TRP A 59 -0.66 -5.49 -3.95
N ASP A 60 -0.47 -4.16 -3.81
CA ASP A 60 -0.19 -3.24 -4.90
C ASP A 60 1.29 -2.77 -4.76
N THR A 61 1.97 -2.50 -5.89
CA THR A 61 3.33 -1.92 -5.88
C THR A 61 3.27 -0.42 -6.30
N ALA A 62 2.06 0.18 -6.42
CA ALA A 62 1.92 1.59 -6.79
C ALA A 62 2.67 2.47 -5.77
N GLY A 63 3.43 3.42 -6.30
CA GLY A 63 4.28 4.29 -5.51
C GLY A 63 5.70 3.79 -5.36
N GLN A 64 5.93 2.48 -5.65
CA GLN A 64 7.28 1.91 -5.50
C GLN A 64 8.06 1.84 -6.81
N GLU A 65 7.48 2.31 -7.94
CA GLU A 65 8.11 2.20 -9.26
C GLU A 65 9.48 2.88 -9.37
N ASP A 66 9.70 3.99 -8.63
CA ASP A 66 10.99 4.71 -8.73
C ASP A 66 12.02 4.28 -7.66
N TYR A 67 11.66 3.33 -6.76
CA TYR A 67 12.47 2.96 -5.60
C TYR A 67 12.90 1.51 -5.66
N ASP A 68 14.06 1.27 -6.29
CA ASP A 68 14.55 -0.08 -6.61
C ASP A 68 14.95 -0.95 -5.40
N ARG A 69 15.21 -0.34 -4.23
CA ARG A 69 15.52 -1.14 -3.03
C ARG A 69 14.28 -1.32 -2.13
N LEU A 70 13.29 -0.38 -2.21
CA LEU A 70 12.07 -0.55 -1.43
C LEU A 70 11.14 -1.55 -2.13
N ARG A 71 11.00 -1.43 -3.47
CA ARG A 71 10.03 -2.22 -4.21
C ARG A 71 10.12 -3.76 -4.03
N PRO A 72 11.33 -4.34 -4.04
CA PRO A 72 11.43 -5.81 -3.88
C PRO A 72 10.94 -6.33 -2.53
N LEU A 73 10.85 -5.45 -1.51
CA LEU A 73 10.31 -5.86 -0.21
C LEU A 73 8.82 -6.32 -0.33
N SER A 74 8.14 -5.98 -1.44
CA SER A 74 6.78 -6.44 -1.68
C SER A 74 6.75 -7.93 -2.13
N TYR A 75 7.87 -8.46 -2.70
CA TYR A 75 7.88 -9.80 -3.29
C TYR A 75 7.98 -11.06 -2.38
N PRO A 76 8.56 -11.05 -1.15
CA PRO A 76 8.69 -12.33 -0.40
C PRO A 76 7.43 -13.18 -0.33
N ASP A 77 7.58 -14.48 -0.63
CA ASP A 77 6.51 -15.48 -0.57
C ASP A 77 5.30 -15.21 -1.43
N THR A 78 5.48 -14.50 -2.55
CA THR A 78 4.37 -14.29 -3.49
C THR A 78 4.08 -15.65 -4.17
N ASP A 79 2.77 -15.98 -4.33
CA ASP A 79 2.31 -17.21 -4.98
C ASP A 79 1.87 -16.96 -6.43
N VAL A 80 1.46 -15.71 -6.77
CA VAL A 80 1.04 -15.41 -8.14
C VAL A 80 1.27 -13.93 -8.39
N ILE A 81 1.78 -13.61 -9.59
CA ILE A 81 2.01 -12.24 -10.02
C ILE A 81 1.01 -11.84 -11.07
N LEU A 82 0.34 -10.68 -10.92
CA LEU A 82 -0.41 -10.11 -12.04
C LEU A 82 0.53 -9.04 -12.61
N MET A 83 0.89 -9.17 -13.89
CA MET A 83 1.78 -8.20 -14.52
CA MET A 83 1.81 -8.26 -14.58
C MET A 83 0.93 -7.40 -15.47
N CYS A 84 0.74 -6.14 -15.12
CA CYS A 84 -0.21 -5.30 -15.78
CA CYS A 84 -0.23 -5.26 -15.79
C CYS A 84 0.36 -4.26 -16.77
N PHE A 85 -0.43 -3.97 -17.81
CA PHE A 85 -0.18 -2.88 -18.77
C PHE A 85 -1.55 -2.32 -19.12
N SER A 86 -1.60 -1.09 -19.65
CA SER A 86 -2.88 -0.54 -20.05
C SER A 86 -3.00 -0.67 -21.57
N ILE A 87 -4.19 -1.07 -22.07
CA ILE A 87 -4.43 -1.19 -23.51
C ILE A 87 -4.38 0.19 -24.22
N ASP A 88 -4.65 1.29 -23.47
CA ASP A 88 -4.51 2.64 -24.03
C ASP A 88 -3.06 3.16 -23.99
N SER A 89 -2.08 2.30 -23.65
CA SER A 89 -0.70 2.71 -23.54
C SER A 89 0.26 1.67 -24.09
N PRO A 90 0.48 1.66 -25.42
CA PRO A 90 1.50 0.74 -25.98
C PRO A 90 2.87 0.85 -25.29
N ASP A 91 3.23 2.04 -24.78
CA ASP A 91 4.46 2.28 -23.99
C ASP A 91 4.51 1.38 -22.72
N SER A 92 3.39 1.23 -22.02
CA SER A 92 3.35 0.35 -20.84
C SER A 92 3.61 -1.12 -21.22
N LEU A 93 3.27 -1.55 -22.45
CA LEU A 93 3.50 -2.93 -22.90
C LEU A 93 4.99 -3.15 -23.25
N GLU A 94 5.64 -2.15 -23.86
CA GLU A 94 7.07 -2.20 -24.20
C GLU A 94 7.98 -2.35 -22.95
N ASN A 95 7.58 -1.81 -21.80
CA ASN A 95 8.35 -1.94 -20.56
C ASN A 95 8.22 -3.31 -19.87
N ILE A 96 7.29 -4.17 -20.35
CA ILE A 96 7.09 -5.46 -19.76
C ILE A 96 8.31 -6.41 -19.92
N PRO A 97 8.84 -6.66 -21.15
CA PRO A 97 9.86 -7.72 -21.29
C PRO A 97 11.25 -7.48 -20.71
N GLU A 98 11.76 -6.26 -20.73
CA GLU A 98 13.13 -6.06 -20.26
C GLU A 98 13.22 -5.23 -18.96
N LYS A 99 12.09 -4.85 -18.35
CA LYS A 99 12.14 -4.19 -17.05
C LYS A 99 11.41 -5.03 -16.00
N TRP A 100 10.07 -5.17 -16.16
CA TRP A 100 9.30 -5.91 -15.16
C TRP A 100 9.57 -7.41 -15.15
N THR A 101 9.68 -8.03 -16.34
CA THR A 101 9.87 -9.48 -16.40
C THR A 101 11.18 -9.95 -15.75
N PRO A 102 12.38 -9.39 -16.09
CA PRO A 102 13.61 -9.87 -15.40
C PRO A 102 13.55 -9.65 -13.89
N GLU A 103 12.90 -8.55 -13.43
CA GLU A 103 12.81 -8.30 -11.98
C GLU A 103 11.99 -9.37 -11.29
N VAL A 104 10.80 -9.65 -11.82
CA VAL A 104 9.91 -10.64 -11.21
C VAL A 104 10.54 -12.03 -11.27
N LYS A 105 11.22 -12.36 -12.39
CA LYS A 105 11.84 -13.69 -12.47
C LYS A 105 12.98 -13.88 -11.46
N HIS A 106 13.65 -12.78 -11.12
CA HIS A 106 14.76 -12.79 -10.17
C HIS A 106 14.25 -12.95 -8.73
N PHE A 107 13.29 -12.09 -8.33
CA PHE A 107 12.77 -12.11 -6.95
C PHE A 107 11.68 -13.14 -6.66
N CYS A 108 10.99 -13.63 -7.71
CA CYS A 108 9.88 -14.60 -7.58
C CYS A 108 10.13 -15.81 -8.51
N PRO A 109 11.25 -16.53 -8.33
CA PRO A 109 11.54 -17.64 -9.24
C PRO A 109 10.46 -18.70 -9.23
N ASN A 110 10.04 -19.12 -10.42
CA ASN A 110 9.04 -20.17 -10.57
C ASN A 110 7.62 -19.77 -10.16
N VAL A 111 7.37 -18.47 -9.90
CA VAL A 111 6.03 -18.02 -9.56
C VAL A 111 5.29 -17.73 -10.85
N PRO A 112 4.05 -18.24 -11.03
CA PRO A 112 3.33 -17.95 -12.28
C PRO A 112 3.05 -16.47 -12.45
N ILE A 113 3.18 -15.99 -13.68
CA ILE A 113 2.88 -14.60 -14.04
C ILE A 113 1.70 -14.63 -14.97
N ILE A 114 0.69 -13.82 -14.68
CA ILE A 114 -0.41 -13.67 -15.62
C ILE A 114 -0.27 -12.26 -16.16
N LEU A 115 -0.16 -12.13 -17.51
CA LEU A 115 -0.07 -10.81 -18.15
C LEU A 115 -1.50 -10.32 -18.33
N VAL A 116 -1.81 -9.11 -17.84
CA VAL A 116 -3.18 -8.59 -17.84
C VAL A 116 -3.22 -7.26 -18.57
N GLY A 117 -4.05 -7.19 -19.61
CA GLY A 117 -4.27 -5.96 -20.34
C GLY A 117 -5.45 -5.23 -19.71
N ASN A 118 -5.18 -4.14 -18.97
CA ASN A 118 -6.21 -3.36 -18.29
C ASN A 118 -6.86 -2.31 -19.23
N LYS A 119 -7.96 -1.70 -18.79
CA LYS A 119 -8.65 -0.65 -19.53
C LYS A 119 -9.05 -1.07 -20.95
N LYS A 120 -9.52 -2.32 -21.09
CA LYS A 120 -9.90 -2.83 -22.41
C LYS A 120 -11.03 -2.04 -23.06
N ASP A 121 -11.84 -1.31 -22.24
CA ASP A 121 -12.93 -0.43 -22.72
C ASP A 121 -12.39 0.71 -23.60
N LEU A 122 -11.11 1.07 -23.47
CA LEU A 122 -10.54 2.18 -24.25
C LEU A 122 -10.10 1.78 -25.68
N ARG A 123 -10.11 0.48 -25.98
CA ARG A 123 -9.74 0.00 -27.30
C ARG A 123 -10.65 0.58 -28.39
N ASN A 124 -11.92 0.88 -28.05
CA ASN A 124 -12.91 1.47 -28.96
C ASN A 124 -13.37 2.87 -28.48
N ASP A 125 -12.50 3.58 -27.78
CA ASP A 125 -12.79 4.93 -27.30
C ASP A 125 -12.19 5.91 -28.31
N GLU A 126 -13.02 6.82 -28.87
CA GLU A 126 -12.54 7.72 -29.91
C GLU A 126 -11.51 8.72 -29.43
N HIS A 127 -11.66 9.24 -28.20
CA HIS A 127 -10.68 10.18 -27.66
C HIS A 127 -9.31 9.49 -27.52
N THR A 128 -9.29 8.22 -27.06
CA THR A 128 -8.07 7.44 -26.95
C THR A 128 -7.42 7.24 -28.31
N ARG A 129 -8.19 6.82 -29.33
CA ARG A 129 -7.63 6.59 -30.66
C ARG A 129 -7.05 7.86 -31.29
N ARG A 130 -7.69 9.02 -31.06
CA ARG A 130 -7.23 10.31 -31.58
C ARG A 130 -5.91 10.72 -30.90
N GLU A 131 -5.83 10.63 -29.56
CA GLU A 131 -4.61 11.00 -28.84
C GLU A 131 -3.42 10.13 -29.24
N LEU A 132 -3.61 8.80 -29.30
CA LEU A 132 -2.53 7.88 -29.68
C LEU A 132 -2.06 8.09 -31.12
N ALA A 133 -2.99 8.40 -32.05
CA ALA A 133 -2.66 8.64 -33.47
C ALA A 133 -1.70 9.82 -33.69
N LYS A 134 -1.64 10.77 -32.75
CA LYS A 134 -0.71 11.90 -32.83
C LYS A 134 0.75 11.45 -32.59
N MET A 135 0.96 10.32 -31.86
CA MET A 135 2.28 9.75 -31.63
C MET A 135 2.53 8.51 -32.51
N LYS A 136 1.81 8.38 -33.65
CA LYS A 136 1.89 7.25 -34.58
C LYS A 136 1.59 5.92 -33.86
N GLN A 137 0.59 5.94 -32.95
CA GLN A 137 0.24 4.76 -32.19
C GLN A 137 -1.25 4.39 -32.27
N GLU A 138 -1.62 3.22 -31.74
CA GLU A 138 -2.99 2.78 -31.63
C GLU A 138 -3.17 1.92 -30.37
N PRO A 139 -4.40 1.70 -29.84
CA PRO A 139 -4.54 0.84 -28.65
C PRO A 139 -3.95 -0.55 -28.89
N VAL A 140 -3.44 -1.19 -27.83
CA VAL A 140 -2.82 -2.52 -27.95
C VAL A 140 -3.85 -3.50 -28.50
N LYS A 141 -3.46 -4.27 -29.52
CA LYS A 141 -4.35 -5.27 -30.12
C LYS A 141 -4.31 -6.57 -29.29
N PRO A 142 -5.39 -7.38 -29.29
CA PRO A 142 -5.35 -8.63 -28.52
C PRO A 142 -4.17 -9.55 -28.86
N GLU A 143 -3.82 -9.68 -30.16
CA GLU A 143 -2.68 -10.54 -30.54
C GLU A 143 -1.37 -10.00 -30.02
N GLU A 144 -1.24 -8.64 -29.88
CA GLU A 144 0.00 -8.07 -29.36
C GLU A 144 0.14 -8.43 -27.87
N GLY A 145 -0.96 -8.42 -27.13
CA GLY A 145 -0.91 -8.82 -25.72
C GLY A 145 -0.58 -10.31 -25.59
N ARG A 146 -1.25 -11.17 -26.37
CA ARG A 146 -0.99 -12.63 -26.32
C ARG A 146 0.47 -12.93 -26.69
N ASP A 147 0.99 -12.30 -27.77
CA ASP A 147 2.37 -12.54 -28.18
C ASP A 147 3.36 -12.14 -27.11
N MET A 148 3.08 -11.02 -26.41
CA MET A 148 4.00 -10.59 -25.35
C MET A 148 3.95 -11.61 -24.20
N ALA A 149 2.74 -12.06 -23.80
CA ALA A 149 2.59 -13.04 -22.73
C ALA A 149 3.34 -14.35 -23.09
N ASN A 150 3.20 -14.77 -24.35
CA ASN A 150 3.86 -15.99 -24.84
C ASN A 150 5.39 -15.82 -24.74
N ARG A 151 5.92 -14.70 -25.25
CA ARG A 151 7.34 -14.38 -25.26
C ARG A 151 7.96 -14.35 -23.85
N ILE A 152 7.26 -13.72 -22.87
CA ILE A 152 7.83 -13.60 -21.52
C ILE A 152 7.67 -14.86 -20.64
N GLY A 153 7.05 -15.93 -21.16
CA GLY A 153 6.86 -17.15 -20.37
C GLY A 153 5.73 -17.04 -19.36
N ALA A 154 4.73 -16.19 -19.66
CA ALA A 154 3.59 -16.03 -18.76
C ALA A 154 2.75 -17.31 -18.73
N PHE A 155 2.13 -17.57 -17.56
CA PHE A 155 1.18 -18.66 -17.38
C PHE A 155 -0.02 -18.46 -18.34
N GLY A 156 -0.43 -17.21 -18.54
CA GLY A 156 -1.54 -16.90 -19.44
C GLY A 156 -1.68 -15.43 -19.67
N TYR A 157 -2.59 -15.08 -20.60
CA TYR A 157 -2.92 -13.71 -20.98
C TYR A 157 -4.42 -13.48 -20.77
N MET A 158 -4.76 -12.34 -20.12
CA MET A 158 -6.16 -12.00 -19.85
C MET A 158 -6.38 -10.50 -20.01
N GLU A 159 -7.61 -10.09 -20.30
CA GLU A 159 -7.94 -8.66 -20.39
C GLU A 159 -9.10 -8.32 -19.44
N CYS A 160 -9.15 -7.08 -19.01
CA CYS A 160 -10.26 -6.64 -18.16
C CYS A 160 -10.47 -5.15 -18.26
N SER A 161 -11.59 -4.70 -17.68
CA SER A 161 -11.91 -3.28 -17.55
C SER A 161 -12.36 -3.01 -16.11
N ALA A 162 -11.56 -2.29 -15.32
CA ALA A 162 -11.99 -1.95 -13.96
C ALA A 162 -13.24 -1.02 -14.02
N LYS A 163 -13.33 -0.17 -15.04
CA LYS A 163 -14.44 0.77 -15.22
C LYS A 163 -15.81 0.06 -15.36
N THR A 164 -15.90 -0.96 -16.21
CA THR A 164 -17.16 -1.69 -16.39
C THR A 164 -17.25 -2.97 -15.56
N LYS A 165 -16.14 -3.37 -14.89
CA LYS A 165 -15.98 -4.62 -14.11
C LYS A 165 -15.83 -5.87 -15.02
N ASP A 166 -15.96 -5.73 -16.34
CA ASP A 166 -15.86 -6.89 -17.23
C ASP A 166 -14.50 -7.56 -17.16
N GLY A 167 -14.52 -8.86 -16.86
CA GLY A 167 -13.30 -9.65 -16.81
C GLY A 167 -12.56 -9.62 -15.50
N VAL A 168 -12.94 -8.73 -14.57
CA VAL A 168 -12.23 -8.59 -13.31
C VAL A 168 -12.34 -9.85 -12.46
N ARG A 169 -13.58 -10.37 -12.25
CA ARG A 169 -13.70 -11.60 -11.45
C ARG A 169 -12.88 -12.76 -12.04
N GLU A 170 -12.93 -12.91 -13.37
CA GLU A 170 -12.21 -14.00 -14.03
C GLU A 170 -10.69 -13.94 -13.82
N VAL A 171 -10.12 -12.70 -13.81
CA VAL A 171 -8.69 -12.52 -13.58
C VAL A 171 -8.29 -13.05 -12.21
N PHE A 172 -9.06 -12.65 -11.14
CA PHE A 172 -8.68 -13.08 -9.80
C PHE A 172 -8.98 -14.58 -9.55
N GLU A 173 -10.05 -15.14 -10.17
CA GLU A 173 -10.29 -16.59 -10.05
C GLU A 173 -9.13 -17.36 -10.72
N MET A 174 -8.69 -16.91 -11.92
CA MET A 174 -7.57 -17.59 -12.60
C MET A 174 -6.27 -17.41 -11.78
N ALA A 175 -6.03 -16.21 -11.22
CA ALA A 175 -4.82 -16.01 -10.38
C ALA A 175 -4.82 -17.00 -9.18
N THR A 176 -6.02 -17.29 -8.64
CA THR A 176 -6.12 -18.21 -7.51
C THR A 176 -5.77 -19.63 -7.97
N ARG A 177 -6.30 -20.03 -9.14
CA ARG A 177 -5.94 -21.36 -9.71
C ARG A 177 -4.42 -21.44 -9.94
N ALA A 178 -3.81 -20.38 -10.48
CA ALA A 178 -2.35 -20.39 -10.74
C ALA A 178 -1.57 -20.52 -9.44
N ALA A 179 -2.01 -19.78 -8.38
CA ALA A 179 -1.37 -19.85 -7.07
C ALA A 179 -1.46 -21.27 -6.47
N LEU A 180 -2.53 -22.01 -6.74
CA LEU A 180 -2.70 -23.36 -6.20
C LEU A 180 -1.84 -24.42 -6.89
N GLN A 181 -1.45 -24.18 -8.15
CA GLN A 181 -0.69 -25.20 -8.90
C GLN A 181 0.73 -25.41 -8.38
N SER B 1 -7.64 1.82 17.15
CA SER B 1 -8.14 3.20 17.05
CA SER B 1 -8.12 3.20 17.07
C SER B 1 -9.19 3.48 18.12
N MET B 2 -9.38 4.75 18.47
CA MET B 2 -10.38 5.13 19.44
C MET B 2 -11.69 5.41 18.72
N GLU B 3 -12.83 5.09 19.37
CA GLU B 3 -14.13 5.18 18.76
C GLU B 3 -14.46 6.55 18.11
N MET B 4 -14.08 7.65 18.80
CA MET B 4 -14.34 8.99 18.28
CA MET B 4 -14.30 9.01 18.32
C MET B 4 -13.74 9.19 16.89
N ASP B 5 -12.48 8.78 16.70
CA ASP B 5 -11.81 8.93 15.41
C ASP B 5 -12.32 7.95 14.37
N GLU B 6 -12.62 6.71 14.79
CA GLU B 6 -13.17 5.69 13.84
C GLU B 6 -14.49 6.20 13.25
N LYS B 7 -15.38 6.75 14.09
CA LYS B 7 -16.65 7.25 13.59
C LYS B 7 -16.43 8.44 12.68
N ASP B 8 -15.50 9.35 13.05
CA ASP B 8 -15.25 10.53 12.20
C ASP B 8 -14.71 10.13 10.81
N PHE B 9 -14.06 8.96 10.71
CA PHE B 9 -13.49 8.49 9.45
C PHE B 9 -14.16 7.16 8.97
N ALA B 10 -15.41 6.92 9.35
CA ALA B 10 -16.12 5.69 8.95
C ALA B 10 -16.58 5.78 7.50
N ALA B 11 -16.98 6.99 7.04
CA ALA B 11 -17.52 7.12 5.68
C ALA B 11 -16.46 6.87 4.60
N ASP B 12 -16.90 6.48 3.38
CA ASP B 12 -15.96 6.24 2.28
C ASP B 12 -15.32 7.50 1.76
N SER B 13 -15.88 8.68 2.05
CA SER B 13 -15.30 9.92 1.55
C SER B 13 -15.68 11.11 2.45
N TRP B 14 -15.05 12.26 2.24
CA TRP B 14 -15.42 13.49 2.96
C TRP B 14 -16.85 13.88 2.57
N SER B 15 -17.22 13.75 1.27
CA SER B 15 -18.56 14.10 0.80
CA SER B 15 -18.56 14.09 0.79
C SER B 15 -19.66 13.27 1.48
N LEU B 16 -19.33 12.06 1.95
CA LEU B 16 -20.30 11.21 2.66
C LEU B 16 -20.18 11.39 4.19
N ALA B 17 -19.03 11.94 4.68
CA ALA B 17 -18.82 12.17 6.13
C ALA B 17 -19.57 13.42 6.63
N VAL B 18 -19.57 14.49 5.84
CA VAL B 18 -20.21 15.74 6.26
C VAL B 18 -21.74 15.69 6.05
N ASP B 19 -22.50 16.60 6.70
CA ASP B 19 -23.96 16.66 6.47
C ASP B 19 -24.21 17.09 5.01
N SER B 20 -25.26 16.53 4.36
CA SER B 20 -25.53 16.91 2.96
C SER B 20 -25.81 18.41 2.81
N SER B 21 -26.45 19.04 3.82
CA SER B 21 -26.70 20.49 3.73
C SER B 21 -25.41 21.32 3.83
N PHE B 22 -24.34 20.76 4.42
CA PHE B 22 -23.04 21.42 4.48
C PHE B 22 -22.32 21.20 3.13
N LEU B 23 -22.36 19.96 2.61
CA LEU B 23 -21.74 19.62 1.31
C LEU B 23 -22.27 20.54 0.19
N GLN B 24 -23.60 20.72 0.15
CA GLN B 24 -24.26 21.56 -0.84
C GLN B 24 -23.77 22.99 -0.88
N GLN B 25 -23.17 23.47 0.22
CA GLN B 25 -22.66 24.85 0.25
C GLN B 25 -21.31 25.03 -0.44
N HIS B 26 -20.66 23.93 -0.89
CA HIS B 26 -19.31 24.03 -1.47
C HIS B 26 -19.24 23.73 -2.94
N LYS B 27 -18.25 24.33 -3.61
CA LYS B 27 -18.01 24.06 -5.02
C LYS B 27 -17.42 22.66 -5.19
N LYS B 28 -17.60 22.09 -6.40
CA LYS B 28 -17.10 20.76 -6.73
C LYS B 28 -15.57 20.66 -6.52
N GLU B 29 -14.81 21.72 -6.89
CA GLU B 29 -13.36 21.66 -6.72
C GLU B 29 -12.95 21.51 -5.24
N VAL B 30 -13.67 22.19 -4.33
CA VAL B 30 -13.40 22.08 -2.88
C VAL B 30 -13.72 20.67 -2.42
N MET B 31 -14.85 20.11 -2.88
CA MET B 31 -15.22 18.74 -2.50
CA MET B 31 -15.23 18.72 -2.54
C MET B 31 -14.12 17.74 -2.95
N LYS B 32 -13.61 17.88 -4.21
CA LYS B 32 -12.57 16.95 -4.69
C LYS B 32 -11.31 17.08 -3.83
N GLN B 33 -10.92 18.34 -3.49
CA GLN B 33 -9.74 18.53 -2.62
C GLN B 33 -9.96 17.87 -1.25
N GLN B 34 -11.12 18.12 -0.63
CA GLN B 34 -11.39 17.58 0.72
C GLN B 34 -11.50 16.06 0.74
N ASP B 35 -12.03 15.45 -0.33
CA ASP B 35 -12.09 13.98 -0.40
C ASP B 35 -10.67 13.37 -0.32
N VAL B 36 -9.67 14.00 -0.99
CA VAL B 36 -8.31 13.42 -0.96
C VAL B 36 -7.63 13.67 0.38
N ILE B 37 -7.86 14.88 0.98
CA ILE B 37 -7.27 15.16 2.31
C ILE B 37 -7.85 14.15 3.33
N TYR B 38 -9.16 13.90 3.23
CA TYR B 38 -9.84 12.91 4.10
C TYR B 38 -9.18 11.52 3.91
N GLU B 39 -8.88 11.13 2.67
CA GLU B 39 -8.23 9.82 2.45
C GLU B 39 -6.84 9.79 3.09
N LEU B 40 -6.08 10.90 3.03
CA LEU B 40 -4.74 10.95 3.63
C LEU B 40 -4.88 10.72 5.17
N ILE B 41 -5.82 11.43 5.81
CA ILE B 41 -5.99 11.31 7.27
C ILE B 41 -6.53 9.94 7.63
N GLN B 42 -7.54 9.46 6.88
CA GLN B 42 -8.14 8.13 7.17
C GLN B 42 -7.05 7.03 7.06
N THR B 43 -6.23 7.07 6.01
CA THR B 43 -5.18 6.02 5.86
C THR B 43 -4.07 6.19 6.91
N GLU B 44 -3.84 7.44 7.37
CA GLU B 44 -2.86 7.64 8.46
C GLU B 44 -3.43 7.06 9.77
N LEU B 45 -4.74 7.26 10.02
CA LEU B 45 -5.38 6.66 11.22
C LEU B 45 -5.23 5.12 11.19
N HIS B 46 -5.47 4.51 10.01
CA HIS B 46 -5.33 3.04 9.86
C HIS B 46 -3.84 2.60 10.02
N HIS B 47 -2.89 3.42 9.56
CA HIS B 47 -1.46 3.10 9.65
C HIS B 47 -1.04 3.12 11.13
N VAL B 48 -1.50 4.15 11.88
CA VAL B 48 -1.21 4.18 13.32
C VAL B 48 -1.84 2.95 14.02
N ARG B 49 -3.05 2.57 13.59
CA ARG B 49 -3.73 1.40 14.13
C ARG B 49 -2.91 0.09 13.85
N THR B 50 -2.32 -0.03 12.64
CA THR B 50 -1.44 -1.18 12.30
C THR B 50 -0.26 -1.22 13.28
N LEU B 51 0.32 -0.04 13.58
CA LEU B 51 1.46 0.02 14.51
C LEU B 51 1.01 -0.35 15.92
N LYS B 52 -0.23 0.03 16.32
CA LYS B 52 -0.71 -0.37 17.67
C LYS B 52 -0.93 -1.88 17.73
N ILE B 53 -1.42 -2.51 16.65
CA ILE B 53 -1.55 -3.98 16.61
C ILE B 53 -0.15 -4.62 16.82
N MET B 54 0.86 -4.10 16.12
CA MET B 54 2.23 -4.61 16.29
C MET B 54 2.79 -4.41 17.71
N THR B 55 2.64 -3.22 18.30
CA THR B 55 3.21 -3.00 19.65
C THR B 55 2.37 -3.65 20.74
N ARG B 56 1.05 -3.37 20.76
CA ARG B 56 0.20 -3.81 21.86
C ARG B 56 -0.28 -5.25 21.74
N LEU B 57 -0.75 -5.67 20.56
CA LEU B 57 -1.29 -7.04 20.46
C LEU B 57 -0.16 -8.07 20.35
N PHE B 58 0.70 -7.90 19.34
CA PHE B 58 1.75 -8.90 19.10
C PHE B 58 2.93 -8.78 20.06
N ARG B 59 3.66 -7.66 20.00
CA ARG B 59 4.90 -7.52 20.76
C ARG B 59 4.70 -7.71 22.26
N THR B 60 3.78 -6.94 22.83
CA THR B 60 3.54 -7.00 24.28
C THR B 60 2.91 -8.35 24.67
N GLY B 61 2.06 -8.91 23.80
CA GLY B 61 1.48 -10.22 24.09
C GLY B 61 2.55 -11.32 24.15
N MET B 62 3.55 -11.25 23.26
CA MET B 62 4.63 -12.24 23.27
C MET B 62 5.49 -12.09 24.51
N LEU B 63 5.77 -10.84 24.92
CA LEU B 63 6.56 -10.60 26.13
C LEU B 63 5.83 -11.07 27.38
N GLU B 64 4.51 -10.89 27.42
CA GLU B 64 3.72 -11.24 28.62
C GLU B 64 3.24 -12.71 28.72
N GLU B 65 3.14 -13.44 27.58
N GLU B 65 2.77 -13.31 27.62
CA GLU B 65 2.72 -14.85 27.56
CA GLU B 65 2.19 -14.64 27.68
C GLU B 65 3.76 -15.90 27.14
C GLU B 65 3.15 -15.74 27.31
N LEU B 66 4.76 -15.54 26.31
N LEU B 66 4.05 -15.45 26.38
CA LEU B 66 5.71 -16.55 25.80
CA LEU B 66 5.03 -16.45 25.95
C LEU B 66 7.11 -16.50 26.43
C LEU B 66 6.35 -16.32 26.72
N HIS B 67 7.89 -17.59 26.26
N HIS B 67 6.61 -15.15 27.34
CA HIS B 67 9.25 -17.70 26.80
CA HIS B 67 7.86 -14.83 28.02
C HIS B 67 10.29 -17.60 25.67
C HIS B 67 9.03 -14.98 27.05
N LEU B 68 10.18 -16.57 24.81
N LEU B 68 8.84 -14.50 25.82
CA LEU B 68 11.12 -16.42 23.70
CA LEU B 68 9.88 -14.56 24.82
C LEU B 68 12.50 -15.98 24.17
C LEU B 68 11.01 -13.60 25.17
N GLU B 69 13.54 -16.48 23.51
N GLU B 69 12.23 -13.96 24.77
CA GLU B 69 14.93 -16.14 23.84
CA GLU B 69 13.44 -13.18 24.96
C GLU B 69 15.17 -14.62 23.67
C GLU B 69 13.29 -11.82 24.27
N PRO B 70 16.01 -13.99 24.52
N PRO B 70 13.64 -10.73 24.97
CA PRO B 70 16.22 -12.54 24.40
CA PRO B 70 13.49 -9.40 24.38
C PRO B 70 16.63 -12.04 23.01
C PRO B 70 14.15 -9.23 23.01
N GLY B 71 16.04 -10.93 22.58
N GLY B 71 15.31 -9.84 22.81
CA GLY B 71 16.31 -10.33 21.27
CA GLY B 71 16.01 -9.77 21.53
C GLY B 71 15.47 -10.92 20.14
C GLY B 71 15.26 -10.48 20.41
N VAL B 72 14.58 -11.86 20.46
N VAL B 72 14.61 -11.61 20.70
CA VAL B 72 13.70 -12.46 19.45
CA VAL B 72 13.83 -12.32 19.68
C VAL B 72 12.55 -11.48 19.14
C VAL B 72 12.65 -11.45 19.22
N VAL B 73 11.89 -10.92 20.18
CA VAL B 73 10.76 -10.00 19.95
C VAL B 73 11.23 -8.71 19.20
N GLN B 74 12.43 -8.19 19.55
CA GLN B 74 12.96 -7.01 18.85
CA GLN B 74 13.00 -7.02 18.86
C GLN B 74 13.26 -7.33 17.37
N GLY B 75 13.66 -8.57 17.08
CA GLY B 75 13.92 -8.99 15.72
C GLY B 75 12.64 -9.14 14.90
N LEU B 76 11.54 -9.53 15.56
CA LEU B 76 10.25 -9.67 14.86
C LEU B 76 9.64 -8.29 14.59
N PHE B 77 9.83 -7.35 15.52
CA PHE B 77 9.20 -6.02 15.44
C PHE B 77 10.24 -4.90 15.50
N PRO B 78 11.13 -4.79 14.51
CA PRO B 78 12.17 -3.75 14.59
C PRO B 78 11.58 -2.34 14.57
N CYS B 79 12.10 -1.41 15.42
CA CYS B 79 11.78 0.03 15.41
C CYS B 79 10.34 0.36 15.66
N VAL B 80 9.50 -0.58 16.10
CA VAL B 80 8.05 -0.31 16.21
CA VAL B 80 8.07 -0.33 16.20
C VAL B 80 7.71 0.83 17.17
N ASP B 81 8.44 0.97 18.28
CA ASP B 81 8.13 2.08 19.22
C ASP B 81 8.47 3.42 18.55
N GLU B 82 9.61 3.51 17.84
CA GLU B 82 9.99 4.75 17.17
CA GLU B 82 9.96 4.76 17.18
C GLU B 82 8.97 5.09 16.05
N LEU B 83 8.55 4.06 15.29
CA LEU B 83 7.59 4.26 14.21
C LEU B 83 6.25 4.75 14.80
N SER B 84 5.85 4.15 15.93
CA SER B 84 4.58 4.53 16.57
C SER B 84 4.67 6.00 17.03
N ASP B 85 5.79 6.42 17.62
CA ASP B 85 5.95 7.81 18.09
C ASP B 85 5.88 8.79 16.89
N ILE B 86 6.59 8.48 15.80
CA ILE B 86 6.59 9.37 14.62
C ILE B 86 5.14 9.58 14.09
N HIS B 87 4.43 8.46 13.85
CA HIS B 87 3.14 8.53 13.18
C HIS B 87 2.02 8.95 14.12
N THR B 88 2.09 8.61 15.42
CA THR B 88 1.03 9.04 16.36
C THR B 88 1.11 10.59 16.47
N ARG B 89 2.34 11.15 16.50
CA ARG B 89 2.49 12.59 16.57
C ARG B 89 1.94 13.24 15.30
N PHE B 90 2.25 12.67 14.11
CA PHE B 90 1.78 13.22 12.85
C PHE B 90 0.26 13.16 12.79
N LEU B 91 -0.32 12.01 13.16
CA LEU B 91 -1.78 11.83 13.17
C LEU B 91 -2.42 12.88 14.13
N SER B 92 -1.79 13.11 15.29
CA SER B 92 -2.32 14.09 16.25
CA SER B 92 -2.30 14.10 16.26
C SER B 92 -2.43 15.47 15.60
N GLN B 93 -1.42 15.86 14.83
CA GLN B 93 -1.43 17.17 14.13
C GLN B 93 -2.52 17.22 13.05
N LEU B 94 -2.66 16.12 12.27
CA LEU B 94 -3.72 16.10 11.24
C LEU B 94 -5.11 16.19 11.88
N LEU B 95 -5.35 15.44 12.96
CA LEU B 95 -6.67 15.44 13.60
C LEU B 95 -6.95 16.77 14.30
N GLU B 96 -5.89 17.44 14.82
CA GLU B 96 -6.11 18.75 15.47
C GLU B 96 -6.45 19.82 14.41
N ARG B 97 -5.86 19.73 13.21
CA ARG B 97 -6.17 20.66 12.11
C ARG B 97 -7.65 20.50 11.71
N ARG B 98 -8.11 19.24 11.60
CA ARG B 98 -9.51 18.98 11.29
C ARG B 98 -10.41 19.52 12.42
N ARG B 99 -10.07 19.22 13.69
CA ARG B 99 -10.89 19.63 14.81
CA ARG B 99 -10.86 19.64 14.85
C ARG B 99 -11.04 21.16 14.90
N GLN B 100 -9.93 21.92 14.72
CA GLN B 100 -9.99 23.39 14.73
C GLN B 100 -10.84 23.93 13.60
N ALA B 101 -10.93 23.19 12.48
CA ALA B 101 -11.73 23.64 11.33
C ALA B 101 -13.25 23.33 11.44
N LEU B 102 -13.69 22.57 12.46
CA LEU B 102 -15.12 22.20 12.57
C LEU B 102 -15.97 23.45 12.77
N CYS B 103 -17.18 23.45 12.20
CA CYS B 103 -18.13 24.53 12.46
C CYS B 103 -18.61 24.41 13.90
N PRO B 104 -18.83 25.54 14.60
CA PRO B 104 -19.48 25.48 15.92
C PRO B 104 -20.81 24.75 15.83
N GLY B 105 -21.05 23.88 16.80
CA GLY B 105 -22.28 23.07 16.80
C GLY B 105 -22.17 21.79 15.98
N SER B 106 -21.00 21.53 15.38
CA SER B 106 -20.83 20.31 14.57
C SER B 106 -19.61 19.52 15.01
N THR B 107 -19.70 18.18 14.93
CA THR B 107 -18.53 17.32 15.14
C THR B 107 -18.13 16.65 13.80
N ARG B 108 -18.74 17.05 12.64
CA ARG B 108 -18.36 16.43 11.38
C ARG B 108 -18.15 17.38 10.21
N ASN B 109 -18.68 18.62 10.29
CA ASN B 109 -18.57 19.56 9.17
C ASN B 109 -17.34 20.45 9.28
N PHE B 110 -16.41 20.31 8.33
CA PHE B 110 -15.17 21.09 8.33
C PHE B 110 -14.60 21.14 6.89
N VAL B 111 -13.72 22.13 6.66
CA VAL B 111 -12.93 22.23 5.43
C VAL B 111 -11.50 22.55 5.88
N ILE B 112 -10.51 21.75 5.43
CA ILE B 112 -9.10 22.05 5.73
C ILE B 112 -8.54 22.78 4.49
N HIS B 113 -8.23 24.05 4.67
CA HIS B 113 -7.69 24.87 3.59
C HIS B 113 -6.16 24.93 3.56
N ARG B 114 -5.47 24.62 4.71
N ARG B 114 -5.55 24.70 4.72
CA ARG B 114 -4.02 24.83 4.84
CA ARG B 114 -4.13 24.77 4.89
C ARG B 114 -3.11 23.62 5.18
C ARG B 114 -3.67 23.41 5.38
N LEU B 115 -3.35 22.51 4.55
N LEU B 115 -3.14 22.62 4.47
CA LEU B 115 -2.59 21.29 4.79
CA LEU B 115 -2.57 21.31 4.79
C LEU B 115 -1.07 21.36 4.45
C LEU B 115 -1.07 21.36 4.45
N GLY B 116 -0.70 22.08 3.39
CA GLY B 116 0.69 22.19 2.95
C GLY B 116 1.72 22.49 4.03
N ASP B 117 1.42 23.48 4.90
CA ASP B 117 2.35 23.89 5.96
CA ASP B 117 2.36 23.87 5.94
C ASP B 117 2.61 22.74 6.95
N LEU B 118 1.57 21.97 7.23
CA LEU B 118 1.68 20.85 8.18
C LEU B 118 2.58 19.78 7.52
N LEU B 119 2.37 19.49 6.22
CA LEU B 119 3.20 18.50 5.51
C LEU B 119 4.66 18.95 5.38
N ILE B 120 4.92 20.25 5.13
CA ILE B 120 6.29 20.77 5.06
C ILE B 120 6.98 20.54 6.42
N SER B 121 6.26 20.83 7.51
CA SER B 121 6.81 20.66 8.86
CA SER B 121 6.79 20.65 8.86
C SER B 121 7.11 19.17 9.11
N GLN B 122 6.18 18.27 8.79
CA GLN B 122 6.42 16.84 9.00
C GLN B 122 7.67 16.32 8.21
N PHE B 123 7.80 16.74 6.96
CA PHE B 123 8.81 16.23 6.05
C PHE B 123 10.06 17.14 5.94
N SER B 124 10.33 17.94 7.00
CA SER B 124 11.55 18.74 7.07
C SER B 124 12.09 18.75 8.53
N GLY B 125 13.32 19.22 8.73
CA GLY B 125 13.91 19.31 10.06
C GLY B 125 14.08 17.98 10.78
N PRO B 126 14.14 18.02 12.12
CA PRO B 126 14.35 16.78 12.90
C PRO B 126 13.36 15.66 12.67
N SER B 127 12.05 15.98 12.49
CA SER B 127 11.08 14.91 12.29
C SER B 127 11.37 14.15 10.96
N ALA B 128 11.82 14.87 9.89
CA ALA B 128 12.17 14.17 8.64
C ALA B 128 13.44 13.31 8.82
N GLU B 129 14.46 13.85 9.51
CA GLU B 129 15.71 13.09 9.81
C GLU B 129 15.38 11.81 10.58
N GLN B 130 14.48 11.90 11.57
CA GLN B 130 14.06 10.75 12.35
C GLN B 130 13.31 9.74 11.47
N MET B 131 12.41 10.22 10.59
CA MET B 131 11.70 9.32 9.65
C MET B 131 12.72 8.60 8.74
N CYS B 132 13.69 9.35 8.20
CA CYS B 132 14.72 8.75 7.33
C CYS B 132 15.53 7.68 8.09
N LYS B 133 16.03 8.01 9.30
CA LYS B 133 16.80 7.02 10.07
C LYS B 133 15.99 5.76 10.41
N THR B 134 14.74 5.96 10.89
CA THR B 134 13.90 4.86 11.32
C THR B 134 13.48 3.95 10.14
N TYR B 135 13.03 4.51 9.01
CA TYR B 135 12.65 3.65 7.87
C TYR B 135 13.86 2.99 7.20
N SER B 136 15.05 3.63 7.25
CA SER B 136 16.26 2.99 6.66
C SER B 136 16.58 1.72 7.49
N GLU B 137 16.45 1.83 8.83
CA GLU B 137 16.68 0.70 9.73
CA GLU B 137 16.69 0.66 9.68
C GLU B 137 15.57 -0.36 9.56
N PHE B 138 14.27 0.07 9.63
CA PHE B 138 13.15 -0.86 9.53
C PHE B 138 13.18 -1.65 8.21
N CYS B 139 13.30 -0.94 7.09
CA CYS B 139 13.26 -1.58 5.78
C CYS B 139 14.47 -2.50 5.56
N SER B 140 15.63 -2.16 6.20
CA SER B 140 16.79 -3.07 6.11
C SER B 140 16.63 -4.35 6.98
N ARG B 141 15.68 -4.32 7.95
CA ARG B 141 15.47 -5.46 8.84
C ARG B 141 14.18 -6.26 8.53
N HIS B 142 13.47 -5.85 7.46
CA HIS B 142 12.20 -6.39 7.05
C HIS B 142 12.32 -7.88 6.69
N SER B 143 13.22 -8.26 5.77
CA SER B 143 13.35 -9.67 5.39
CA SER B 143 13.38 -9.67 5.39
C SER B 143 13.72 -10.56 6.60
N LYS B 144 14.61 -10.08 7.48
CA LYS B 144 15.02 -10.83 8.66
C LYS B 144 13.82 -11.07 9.58
N ALA B 145 12.96 -10.05 9.74
CA ALA B 145 11.77 -10.18 10.61
C ALA B 145 10.85 -11.29 10.06
N LEU B 146 10.60 -11.29 8.74
CA LEU B 146 9.71 -12.29 8.10
C LEU B 146 10.27 -13.70 8.29
N LYS B 147 11.57 -13.86 8.09
CA LYS B 147 12.20 -15.19 8.25
C LYS B 147 12.17 -15.66 9.69
N LEU B 148 12.39 -14.74 10.64
CA LEU B 148 12.34 -15.10 12.06
C LEU B 148 10.93 -15.55 12.44
N TYR B 149 9.91 -14.84 11.91
CA TYR B 149 8.51 -15.19 12.17
C TYR B 149 8.22 -16.59 11.63
N LYS B 150 8.62 -16.84 10.37
CA LYS B 150 8.32 -18.15 9.76
C LYS B 150 8.97 -19.29 10.52
N GLU B 151 10.19 -19.07 11.00
CA GLU B 151 10.91 -20.09 11.76
CA GLU B 151 10.92 -20.09 11.77
C GLU B 151 10.21 -20.40 13.08
N LEU B 152 9.82 -19.36 13.82
CA LEU B 152 9.14 -19.55 15.10
C LEU B 152 7.78 -20.22 14.92
N TYR B 153 7.01 -19.80 13.88
CA TYR B 153 5.69 -20.39 13.67
C TYR B 153 5.82 -21.89 13.31
N ALA B 154 6.87 -22.26 12.55
CA ALA B 154 7.01 -23.66 12.15
C ALA B 154 7.53 -24.57 13.25
N ARG B 155 8.27 -24.02 14.22
CA ARG B 155 8.90 -24.88 15.23
CA ARG B 155 8.95 -24.83 15.25
C ARG B 155 8.38 -24.76 16.67
N ASP B 156 7.70 -23.66 17.02
CA ASP B 156 7.22 -23.49 18.40
C ASP B 156 5.69 -23.54 18.53
N LYS B 157 5.19 -24.62 19.18
CA LYS B 157 3.75 -24.84 19.39
C LYS B 157 3.07 -23.70 20.15
N ARG B 158 3.67 -23.23 21.26
CA ARG B 158 3.08 -22.13 22.04
C ARG B 158 3.04 -20.83 21.19
N PHE B 159 4.07 -20.59 20.36
CA PHE B 159 4.07 -19.39 19.48
C PHE B 159 2.94 -19.50 18.43
N GLN B 160 2.79 -20.68 17.85
CA GLN B 160 1.74 -20.96 16.89
C GLN B 160 0.34 -20.75 17.52
N GLN B 161 0.13 -21.28 18.75
CA GLN B 161 -1.17 -21.10 19.42
C GLN B 161 -1.42 -19.62 19.72
N PHE B 162 -0.37 -18.89 20.14
CA PHE B 162 -0.54 -17.46 20.44
C PHE B 162 -0.99 -16.71 19.16
N ILE B 163 -0.27 -16.92 18.05
CA ILE B 163 -0.59 -16.25 16.77
C ILE B 163 -2.02 -16.57 16.32
N ARG B 164 -2.35 -17.88 16.30
CA ARG B 164 -3.68 -18.29 15.83
C ARG B 164 -4.78 -17.70 16.72
N LYS B 165 -4.53 -17.60 18.03
CA LYS B 165 -5.50 -17.08 18.99
C LYS B 165 -5.79 -15.59 18.76
N VAL B 166 -4.73 -14.76 18.68
CA VAL B 166 -4.91 -13.32 18.59
C VAL B 166 -5.26 -12.83 17.19
N THR B 167 -4.98 -13.66 16.14
CA THR B 167 -5.37 -13.30 14.77
C THR B 167 -6.69 -13.95 14.32
N ARG B 168 -7.35 -14.73 15.17
CA ARG B 168 -8.62 -15.37 14.84
C ARG B 168 -9.78 -14.38 14.57
N PRO B 169 -9.92 -13.29 15.36
CA PRO B 169 -11.06 -12.37 15.14
C PRO B 169 -11.08 -11.81 13.72
N ALA B 170 -12.28 -11.64 13.15
CA ALA B 170 -12.42 -11.11 11.79
C ALA B 170 -11.76 -9.73 11.60
N VAL B 171 -11.73 -8.87 12.64
CA VAL B 171 -11.11 -7.54 12.50
C VAL B 171 -9.61 -7.64 12.27
N LEU B 172 -8.96 -8.81 12.53
CA LEU B 172 -7.52 -8.98 12.26
C LEU B 172 -7.24 -9.67 10.90
N LYS B 173 -8.27 -9.88 10.08
CA LYS B 173 -8.13 -10.64 8.82
C LYS B 173 -6.97 -10.18 7.94
N ARG B 174 -6.75 -8.86 7.84
CA ARG B 174 -5.69 -8.28 6.98
C ARG B 174 -4.40 -7.97 7.74
N HIS B 175 -4.35 -8.28 9.06
CA HIS B 175 -3.29 -7.83 9.92
C HIS B 175 -2.53 -8.91 10.68
N GLY B 176 -2.15 -9.98 9.98
CA GLY B 176 -1.20 -10.92 10.58
C GLY B 176 0.18 -10.25 10.69
N VAL B 177 1.16 -10.92 11.34
CA VAL B 177 2.51 -10.34 11.55
C VAL B 177 3.17 -9.89 10.25
N GLN B 178 3.20 -10.79 9.24
CA GLN B 178 3.88 -10.45 7.99
C GLN B 178 3.14 -9.32 7.23
N GLU B 179 1.82 -9.33 7.27
CA GLU B 179 0.99 -8.32 6.61
C GLU B 179 1.27 -6.95 7.26
N CYS B 180 1.40 -6.89 8.62
CA CYS B 180 1.67 -5.61 9.28
C CYS B 180 3.03 -5.06 8.81
N ILE B 181 4.05 -5.96 8.71
CA ILE B 181 5.40 -5.49 8.35
C ILE B 181 5.35 -4.87 6.94
N LEU B 182 4.67 -5.56 5.99
CA LEU B 182 4.61 -5.01 4.63
C LEU B 182 3.73 -3.74 4.55
N LEU B 183 2.66 -3.67 5.37
CA LEU B 183 1.82 -2.45 5.39
C LEU B 183 2.67 -1.24 5.83
N VAL B 184 3.56 -1.45 6.80
CA VAL B 184 4.42 -0.36 7.30
C VAL B 184 5.45 0.04 6.24
N THR B 185 6.14 -0.93 5.64
CA THR B 185 7.10 -0.63 4.58
C THR B 185 6.46 0.14 3.41
N GLN B 186 5.23 -0.27 3.02
CA GLN B 186 4.57 0.41 1.89
C GLN B 186 3.99 1.78 2.23
N ARG B 187 3.87 2.11 3.53
CA ARG B 187 3.18 3.39 3.89
C ARG B 187 3.89 4.60 3.29
N ILE B 188 5.21 4.61 3.42
CA ILE B 188 5.97 5.79 3.02
C ILE B 188 5.83 6.12 1.53
N THR B 189 5.70 5.09 0.67
CA THR B 189 5.55 5.35 -0.76
C THR B 189 4.07 5.70 -1.15
N LYS B 190 3.12 5.68 -0.20
CA LYS B 190 1.77 6.15 -0.51
C LYS B 190 1.75 7.69 -0.49
N TYR B 191 2.62 8.35 0.33
CA TYR B 191 2.51 9.81 0.52
C TYR B 191 2.57 10.63 -0.79
N PRO B 192 3.53 10.38 -1.72
CA PRO B 192 3.56 11.21 -2.94
C PRO B 192 2.29 11.06 -3.77
N LEU B 193 1.70 9.87 -3.81
CA LEU B 193 0.48 9.62 -4.58
CA LEU B 193 0.47 9.68 -4.61
C LEU B 193 -0.67 10.50 -4.00
N LEU B 194 -0.82 10.49 -2.66
CA LEU B 194 -1.89 11.28 -2.02
C LEU B 194 -1.60 12.79 -2.16
N ILE B 195 -0.35 13.23 -1.92
CA ILE B 195 0.00 14.66 -1.96
C ILE B 195 -0.17 15.20 -3.37
N SER B 196 0.26 14.44 -4.40
CA SER B 196 0.10 14.90 -5.78
CA SER B 196 0.09 14.91 -5.78
CA SER B 196 0.09 14.90 -5.78
C SER B 196 -1.39 15.11 -6.13
N ARG B 197 -2.28 14.20 -5.70
CA ARG B 197 -3.69 14.33 -6.02
C ARG B 197 -4.33 15.51 -5.22
N ILE B 198 -3.89 15.72 -3.96
CA ILE B 198 -4.37 16.90 -3.20
C ILE B 198 -3.94 18.21 -3.93
N LEU B 199 -2.70 18.23 -4.39
CA LEU B 199 -2.14 19.39 -5.12
C LEU B 199 -2.94 19.67 -6.40
N GLN B 200 -3.30 18.62 -7.13
CA GLN B 200 -4.11 18.74 -8.34
C GLN B 200 -5.41 19.58 -8.11
N HIS B 201 -5.95 19.54 -6.88
CA HIS B 201 -7.18 20.24 -6.53
C HIS B 201 -6.95 21.42 -5.56
N SER B 202 -5.72 21.94 -5.48
CA SER B 202 -5.41 23.04 -4.57
C SER B 202 -4.80 24.24 -5.28
N HIS B 203 -5.23 24.50 -6.53
CA HIS B 203 -4.72 25.64 -7.27
C HIS B 203 -5.40 26.98 -6.91
N GLY B 204 -6.56 26.94 -6.25
CA GLY B 204 -7.34 28.13 -5.90
C GLY B 204 -6.61 29.18 -5.09
N ILE B 205 -5.71 28.74 -4.18
CA ILE B 205 -4.91 29.64 -3.36
CA ILE B 205 -4.91 29.64 -3.36
C ILE B 205 -3.47 29.38 -3.73
N GLU B 206 -2.81 30.36 -4.34
CA GLU B 206 -1.41 30.18 -4.79
C GLU B 206 -0.46 29.78 -3.65
N GLU B 207 -0.61 30.37 -2.45
CA GLU B 207 0.24 29.98 -1.29
C GLU B 207 0.11 28.45 -1.00
N GLU B 208 -1.11 27.91 -1.17
CA GLU B 208 -1.36 26.49 -0.87
C GLU B 208 -0.74 25.61 -1.93
N ARG B 209 -0.90 26.00 -3.21
CA ARG B 209 -0.30 25.25 -4.32
C ARG B 209 1.22 25.22 -4.15
N GLN B 210 1.82 26.36 -3.77
CA GLN B 210 3.27 26.39 -3.56
C GLN B 210 3.70 25.49 -2.36
N ASP B 211 2.95 25.55 -1.25
CA ASP B 211 3.31 24.76 -0.07
C ASP B 211 3.19 23.27 -0.34
N LEU B 212 2.15 22.85 -1.08
CA LEU B 212 2.02 21.41 -1.39
C LEU B 212 3.12 20.98 -2.38
N THR B 213 3.54 21.88 -3.29
CA THR B 213 4.62 21.56 -4.22
C THR B 213 5.92 21.36 -3.44
N THR B 214 6.19 22.26 -2.46
CA THR B 214 7.36 22.11 -1.61
C THR B 214 7.28 20.78 -0.81
N ALA B 215 6.09 20.45 -0.25
CA ALA B 215 5.95 19.23 0.56
C ALA B 215 6.20 18.00 -0.30
N LEU B 216 5.69 18.01 -1.55
CA LEU B 216 5.86 16.85 -2.44
C LEU B 216 7.35 16.61 -2.72
N GLY B 217 8.10 17.70 -2.92
CA GLY B 217 9.53 17.63 -3.13
C GLY B 217 10.26 17.08 -1.90
N LEU B 218 9.87 17.51 -0.69
CA LEU B 218 10.53 17.02 0.53
C LEU B 218 10.26 15.50 0.73
N VAL B 219 9.01 15.05 0.48
CA VAL B 219 8.67 13.64 0.60
C VAL B 219 9.51 12.79 -0.37
N LYS B 220 9.63 13.25 -1.62
CA LYS B 220 10.44 12.51 -2.61
C LYS B 220 11.93 12.46 -2.20
N GLU B 221 12.46 13.56 -1.62
CA GLU B 221 13.87 13.57 -1.17
CA GLU B 221 13.86 13.58 -1.16
C GLU B 221 14.03 12.55 -0.03
N LEU B 222 13.06 12.48 0.89
CA LEU B 222 13.12 11.54 2.00
C LEU B 222 13.13 10.08 1.43
N LEU B 223 12.19 9.79 0.53
CA LEU B 223 12.10 8.44 -0.05
C LEU B 223 13.38 8.05 -0.78
N SER B 224 13.97 8.98 -1.53
CA SER B 224 15.21 8.69 -2.24
CA SER B 224 15.21 8.70 -2.24
C SER B 224 16.33 8.36 -1.24
N ASN B 225 16.40 9.10 -0.12
CA ASN B 225 17.41 8.85 0.91
C ASN B 225 17.17 7.49 1.57
N VAL B 226 15.92 7.17 1.93
CA VAL B 226 15.62 5.88 2.55
C VAL B 226 16.02 4.72 1.58
N ASP B 227 15.58 4.83 0.31
CA ASP B 227 15.86 3.80 -0.70
C ASP B 227 17.38 3.58 -0.86
N GLU B 228 18.18 4.68 -0.81
CA GLU B 228 19.64 4.58 -0.94
C GLU B 228 20.30 3.97 0.33
N GLY B 229 19.62 4.03 1.47
CA GLY B 229 20.17 3.53 2.72
C GLY B 229 19.78 2.11 3.09
N ILE B 230 19.12 1.38 2.18
CA ILE B 230 18.69 0.02 2.47
C ILE B 230 19.69 -1.04 2.01
N TYR B 231 20.03 -1.97 2.90
CA TYR B 231 20.80 -3.16 2.57
C TYR B 231 20.22 -4.25 3.47
N GLN B 232 19.54 -5.28 2.90
CA GLN B 232 18.88 -6.29 3.71
C GLN B 232 19.81 -7.08 4.57
N LEU B 233 19.50 -7.09 5.87
CA LEU B 233 20.22 -7.90 6.83
C LEU B 233 19.75 -9.35 6.69
N GLU B 234 20.65 -10.28 6.93
CA GLU B 234 20.31 -11.70 6.87
C GLU B 234 20.96 -12.37 8.06
N LYS B 235 20.18 -13.11 8.84
CA LYS B 235 20.72 -13.82 10.00
C LYS B 235 21.84 -14.80 9.56
N GLY B 236 22.96 -14.78 10.24
CA GLY B 236 24.06 -15.67 9.92
C GLY B 236 24.86 -15.30 8.67
N ALA B 237 24.63 -14.08 8.12
CA ALA B 237 25.40 -13.64 6.94
C ALA B 237 26.86 -13.47 7.37
N ARG B 238 27.78 -13.90 6.51
CA ARG B 238 29.20 -13.81 6.81
C ARG B 238 29.74 -12.50 6.28
N LEU B 239 30.81 -11.99 6.92
CA LEU B 239 31.45 -10.74 6.49
CA LEU B 239 31.42 -10.75 6.48
C LEU B 239 31.85 -10.81 5.02
N GLN B 240 32.38 -11.97 4.57
CA GLN B 240 32.79 -12.12 3.17
C GLN B 240 31.63 -11.88 2.20
N GLU B 241 30.43 -12.37 2.54
CA GLU B 241 29.25 -12.15 1.70
C GLU B 241 28.89 -10.65 1.67
N ILE B 242 29.10 -9.95 2.77
CA ILE B 242 28.78 -8.52 2.86
C ILE B 242 29.78 -7.68 2.08
N TYR B 243 31.11 -7.82 2.34
CA TYR B 243 32.08 -6.99 1.63
C TYR B 243 32.22 -7.36 0.16
N ASN B 244 31.65 -8.49 -0.30
CA ASN B 244 31.64 -8.83 -1.72
C ASN B 244 30.33 -8.38 -2.38
N ARG B 245 29.54 -7.47 -1.74
CA ARG B 245 28.29 -6.95 -2.30
C ARG B 245 28.61 -6.25 -3.64
#